data_5V3M
#
_entry.id   5V3M
#
_cell.length_a   35.954
_cell.length_b   92.758
_cell.length_c   353.667
_cell.angle_alpha   90.00
_cell.angle_beta   90.00
_cell.angle_gamma   90.00
#
_symmetry.space_group_name_H-M   'C 2 2 21'
#
loop_
_entity.id
_entity.type
_entity.pdbx_description
1 polymer 'DNA (28-MER)'
2 polymer 'DNA (28-MER)'
3 polymer 'Zinc finger protein 568'
4 non-polymer 'ZINC ION'
5 water water
#
loop_
_entity_poly.entity_id
_entity_poly.type
_entity_poly.pdbx_seq_one_letter_code
_entity_poly.pdbx_strand_id
1 'polydeoxyribonucleotide'
;(DT)(DG)(DT)(DG)(DG)(DG)(DC)(DG)(DT)(DG)(DG)(DC)(DA)(DC)(DA)(DG)(DG)(DT)(DA)(DA)
(DA)(DA)(DA)(DG)(DG)(DG)(DC)(DA)
;
A
2 'polydeoxyribonucleotide'
;(DT)(DG)(DC)(DC)(DC)(DT)(DT)(DT)(DT)(DT)(DA)(DC)(DC)(DT)(DG)(DT)(DG)(DC)(DC)(DA)
(DC)(DG)(DC)(DC)(DC)(DA)(DC)(DA)
;
B
3 'polypeptide(L)'
;GPGSPHKCKECGKAFHTPSQLSHHQKLHVGEKPYKCQECGKAFPSNAQLSLHHRVHTDEKCFECKECGKAFMRPSHLLRH
QRIHTGEKPHKCKECGKAFRYDTQLSLHLLTHAGARRFECKDCDKVYSCASQLALHQMSHTGEKPHKCKECGKGFISDSH
LLRHQSVHTGETPYKCKECGKGFRRGSELARHQRAHSGDKPYKCKECGKSFTCTTELFRHQKVHTGDRPHKCKECGKAFI
RRSELTHHERSHSGEKPYECKECGKTFGRGSELSRHQKIHTGEKPYKCQQCGKAFIRGSHLTQHQRIHTGRRLE
;
C
#
loop_
_chem_comp.id
_chem_comp.type
_chem_comp.name
_chem_comp.formula
DA DNA linking 2'-DEOXYADENOSINE-5'-MONOPHOSPHATE 'C10 H14 N5 O6 P'
DC DNA linking 2'-DEOXYCYTIDINE-5'-MONOPHOSPHATE 'C9 H14 N3 O7 P'
DG DNA linking 2'-DEOXYGUANOSINE-5'-MONOPHOSPHATE 'C10 H14 N5 O7 P'
DT DNA linking THYMIDINE-5'-MONOPHOSPHATE 'C10 H15 N2 O8 P'
ZN non-polymer 'ZINC ION' 'Zn 2'
#
# COMPACT_ATOMS: atom_id res chain seq x y z
N PRO C 5 25.73 -20.15 5.37
CA PRO C 5 25.30 -19.81 6.73
C PRO C 5 25.33 -18.31 7.00
N HIS C 6 24.53 -17.56 6.26
CA HIS C 6 24.54 -16.11 6.31
C HIS C 6 23.20 -15.57 6.81
N LYS C 7 23.03 -14.26 6.73
CA LYS C 7 21.74 -13.61 6.90
C LYS C 7 21.30 -13.07 5.55
N CYS C 8 20.01 -13.17 5.26
CA CYS C 8 19.50 -12.82 3.95
C CYS C 8 19.62 -11.32 3.70
N LYS C 9 19.82 -10.96 2.43
CA LYS C 9 19.92 -9.55 2.04
C LYS C 9 18.58 -8.83 2.15
N GLU C 10 17.46 -9.58 2.16
CA GLU C 10 16.13 -8.98 2.29
C GLU C 10 15.73 -8.97 3.77
N CYS C 11 15.52 -10.16 4.33
CA CYS C 11 14.91 -10.23 5.66
C CYS C 11 15.92 -10.06 6.78
N GLY C 12 17.12 -10.61 6.63
CA GLY C 12 18.06 -10.71 7.75
C GLY C 12 17.87 -11.96 8.58
N LYS C 13 16.92 -12.83 8.23
CA LYS C 13 16.66 -14.03 9.00
C LYS C 13 17.86 -14.98 8.90
N ALA C 14 18.40 -15.38 10.05
CA ALA C 14 19.64 -16.14 10.10
C ALA C 14 19.45 -17.60 9.67
N PHE C 15 19.59 -17.86 8.37
CA PHE C 15 19.62 -19.22 7.85
C PHE C 15 21.07 -19.66 7.77
N HIS C 16 21.38 -20.82 8.37
CA HIS C 16 22.76 -21.11 8.74
C HIS C 16 23.33 -22.38 8.11
N THR C 17 22.76 -22.83 7.01
CA THR C 17 23.55 -23.66 6.09
C THR C 17 23.62 -22.93 4.74
N PRO C 18 24.69 -23.11 3.94
CA PRO C 18 24.73 -22.39 2.67
C PRO C 18 23.60 -22.79 1.75
N SER C 19 23.14 -24.05 1.85
CA SER C 19 22.01 -24.56 1.06
C SER C 19 20.66 -24.35 1.74
N GLN C 20 20.62 -24.20 3.07
CA GLN C 20 19.40 -23.78 3.75
C GLN C 20 19.14 -22.29 3.56
N LEU C 21 20.19 -21.54 3.19
CA LEU C 21 20.05 -20.12 2.86
C LEU C 21 19.52 -19.93 1.45
N SER C 22 20.16 -20.55 0.46
CA SER C 22 19.65 -20.43 -0.90
C SER C 22 18.28 -21.07 -1.04
N HIS C 23 17.99 -22.12 -0.26
CA HIS C 23 16.61 -22.57 -0.17
C HIS C 23 15.69 -21.48 0.38
N HIS C 24 16.22 -20.61 1.25
CA HIS C 24 15.39 -19.57 1.84
C HIS C 24 15.09 -18.45 0.84
N GLN C 25 16.06 -18.08 0.01
CA GLN C 25 15.87 -16.96 -0.91
C GLN C 25 14.96 -17.32 -2.08
N LYS C 26 14.69 -18.61 -2.28
CA LYS C 26 13.68 -18.98 -3.27
C LYS C 26 12.34 -18.34 -2.95
N LEU C 27 12.03 -18.20 -1.66
CA LEU C 27 10.73 -17.70 -1.22
C LEU C 27 10.53 -16.21 -1.50
N HIS C 28 11.58 -15.47 -1.80
CA HIS C 28 11.47 -14.03 -2.00
C HIS C 28 11.17 -13.65 -3.44
N VAL C 29 11.23 -14.60 -4.38
CA VAL C 29 11.36 -14.21 -5.77
C VAL C 29 10.06 -13.67 -6.34
N GLY C 30 8.92 -14.14 -5.85
CA GLY C 30 7.68 -13.60 -6.32
C GLY C 30 7.47 -12.14 -5.97
N GLU C 31 8.28 -11.60 -5.06
CA GLU C 31 8.13 -10.22 -4.63
C GLU C 31 8.52 -9.22 -5.72
N LYS C 32 9.22 -9.66 -6.77
CA LYS C 32 9.77 -8.80 -7.81
C LYS C 32 9.44 -9.39 -9.19
N PRO C 33 8.23 -9.13 -9.69
CA PRO C 33 7.77 -9.83 -10.90
C PRO C 33 8.25 -9.26 -12.23
N TYR C 34 8.77 -8.05 -12.27
CA TYR C 34 9.15 -7.43 -13.54
C TYR C 34 10.62 -7.72 -13.82
N LYS C 35 10.87 -8.55 -14.82
CA LYS C 35 12.20 -9.03 -15.18
C LYS C 35 12.71 -8.30 -16.44
N CYS C 36 13.95 -7.83 -16.39
CA CYS C 36 14.59 -7.27 -17.58
C CYS C 36 14.89 -8.41 -18.56
N GLN C 37 14.52 -8.18 -19.83
CA GLN C 37 14.70 -9.20 -20.85
C GLN C 37 16.11 -9.25 -21.41
N GLU C 38 17.06 -8.48 -20.87
CA GLU C 38 18.43 -8.54 -21.37
C GLU C 38 19.45 -8.95 -20.33
N CYS C 39 19.24 -8.61 -19.06
CA CYS C 39 20.12 -9.11 -18.03
C CYS C 39 19.41 -9.95 -16.99
N GLY C 40 18.08 -10.07 -17.08
CA GLY C 40 17.30 -10.79 -16.11
C GLY C 40 17.08 -10.10 -14.78
N LYS C 41 17.64 -8.90 -14.56
CA LYS C 41 17.41 -8.24 -13.29
C LYS C 41 15.91 -8.06 -13.05
N ALA C 42 15.50 -8.17 -11.78
CA ALA C 42 14.10 -8.17 -11.42
C ALA C 42 13.78 -6.98 -10.54
N PHE C 43 12.57 -6.44 -10.70
CA PHE C 43 12.15 -5.26 -9.95
C PHE C 43 10.72 -5.44 -9.46
N PRO C 44 10.33 -4.70 -8.43
CA PRO C 44 8.98 -4.85 -7.86
C PRO C 44 7.89 -4.11 -8.61
N SER C 45 8.24 -3.31 -9.61
CA SER C 45 7.22 -2.60 -10.38
C SER C 45 7.75 -2.38 -11.79
N ASN C 46 6.84 -2.26 -12.74
CA ASN C 46 7.28 -2.00 -14.10
C ASN C 46 7.99 -0.65 -14.19
N ALA C 47 7.54 0.31 -13.39
CA ALA C 47 8.15 1.64 -13.43
C ALA C 47 9.63 1.57 -13.05
N GLN C 48 9.95 0.83 -11.99
CA GLN C 48 11.35 0.64 -11.62
C GLN C 48 12.12 -0.08 -12.71
N LEU C 49 11.49 -1.06 -13.36
CA LEU C 49 12.21 -1.76 -14.42
C LEU C 49 12.61 -0.81 -15.53
N SER C 50 11.74 0.15 -15.86
CA SER C 50 12.07 1.09 -16.93
C SER C 50 13.28 1.95 -16.54
N LEU C 51 13.40 2.31 -15.27
CA LEU C 51 14.59 3.05 -14.83
C LEU C 51 15.85 2.23 -15.04
N HIS C 52 15.76 0.90 -14.91
CA HIS C 52 16.96 0.10 -15.12
C HIS C 52 17.21 -0.11 -16.59
N HIS C 53 16.13 -0.27 -17.35
CA HIS C 53 16.22 -0.72 -18.73
C HIS C 53 16.87 0.32 -19.63
N ARG C 54 16.78 1.59 -19.25
CA ARG C 54 17.51 2.65 -19.93
C ARG C 54 18.95 2.24 -20.19
N VAL C 55 19.51 1.45 -19.27
CA VAL C 55 20.92 1.10 -19.41
C VAL C 55 21.17 0.29 -20.68
N HIS C 56 20.15 -0.42 -21.19
CA HIS C 56 20.35 -1.16 -22.43
C HIS C 56 20.00 -0.32 -23.66
N THR C 57 19.42 0.86 -23.50
CA THR C 57 18.94 1.60 -24.67
C THR C 57 19.47 3.01 -24.80
N ASP C 58 19.87 3.66 -23.71
CA ASP C 58 20.39 5.01 -23.78
C ASP C 58 21.88 4.98 -23.46
N GLU C 59 22.70 5.46 -24.38
CA GLU C 59 24.12 5.52 -24.17
C GLU C 59 24.54 6.63 -23.21
N LYS C 60 23.64 7.56 -22.90
CA LYS C 60 23.98 8.75 -22.14
C LYS C 60 23.46 8.68 -20.70
N CYS C 61 23.40 7.51 -20.09
CA CYS C 61 22.82 7.41 -18.76
C CYS C 61 23.87 6.98 -17.73
N PHE C 62 23.55 7.19 -16.46
CA PHE C 62 24.43 6.90 -15.34
C PHE C 62 23.73 5.92 -14.40
N GLU C 63 24.24 4.70 -14.31
CA GLU C 63 23.55 3.61 -13.64
C GLU C 63 24.02 3.47 -12.20
N CYS C 64 23.07 3.27 -11.29
CA CYS C 64 23.39 2.88 -9.92
C CYS C 64 23.83 1.43 -9.90
N LYS C 65 25.06 1.17 -9.52
CA LYS C 65 25.47 -0.22 -9.54
C LYS C 65 24.93 -1.01 -8.37
N GLU C 66 24.30 -0.37 -7.38
CA GLU C 66 23.78 -1.16 -6.28
C GLU C 66 22.37 -1.67 -6.54
N CYS C 67 21.51 -0.94 -7.28
CA CYS C 67 20.21 -1.51 -7.62
C CYS C 67 19.96 -1.66 -9.12
N GLY C 68 20.78 -1.05 -9.96
CA GLY C 68 20.64 -1.22 -11.40
C GLY C 68 19.82 -0.16 -12.09
N LYS C 69 19.27 0.80 -11.37
CA LYS C 69 18.53 1.87 -12.01
C LYS C 69 19.46 2.96 -12.50
N ALA C 70 19.06 3.63 -13.57
CA ALA C 70 19.94 4.57 -14.25
C ALA C 70 19.22 5.87 -14.44
N PHE C 71 20.02 6.94 -14.52
CA PHE C 71 19.48 8.29 -14.60
C PHE C 71 20.23 9.06 -15.68
N MET C 72 19.68 10.21 -16.03
CA MET C 72 20.09 10.95 -17.22
C MET C 72 21.06 12.08 -16.90
N ARG C 73 21.38 12.27 -15.63
CA ARG C 73 22.48 13.17 -15.31
C ARG C 73 23.07 12.71 -13.99
N PRO C 74 24.36 12.95 -13.79
CA PRO C 74 25.01 12.38 -12.58
C PRO C 74 24.36 12.85 -11.30
N SER C 75 23.88 14.11 -11.24
CA SER C 75 23.33 14.59 -9.99
C SER C 75 22.08 13.83 -9.62
N HIS C 76 21.29 13.39 -10.60
CA HIS C 76 20.15 12.52 -10.31
C HIS C 76 20.61 11.22 -9.72
N LEU C 77 21.73 10.69 -10.22
CA LEU C 77 22.19 9.42 -9.68
C LEU C 77 22.73 9.61 -8.28
N LEU C 78 23.56 10.64 -8.06
CA LEU C 78 24.07 10.86 -6.70
C LEU C 78 22.94 11.05 -5.70
N ARG C 79 21.82 11.60 -6.14
CA ARG C 79 20.76 11.88 -5.20
C ARG C 79 20.02 10.59 -4.88
N HIS C 80 19.77 9.79 -5.91
CA HIS C 80 19.23 8.45 -5.69
C HIS C 80 20.10 7.66 -4.71
N GLN C 81 21.41 7.66 -4.90
CA GLN C 81 22.23 6.75 -4.11
C GLN C 81 22.17 7.03 -2.61
N ARG C 82 21.66 8.19 -2.19
CA ARG C 82 21.55 8.35 -0.74
C ARG C 82 20.50 7.40 -0.17
N ILE C 83 19.66 6.82 -1.03
CA ILE C 83 18.77 5.77 -0.54
C ILE C 83 19.59 4.63 0.03
N HIS C 84 20.70 4.30 -0.63
CA HIS C 84 21.56 3.22 -0.18
C HIS C 84 22.52 3.68 0.92
N THR C 85 23.14 4.85 0.76
CA THR C 85 24.17 5.29 1.71
C THR C 85 23.62 5.82 3.03
N GLY C 86 22.33 6.16 3.10
CA GLY C 86 21.79 6.85 4.26
C GLY C 86 22.26 8.28 4.47
N GLU C 87 23.03 8.87 3.55
CA GLU C 87 23.54 10.21 3.78
C GLU C 87 22.42 11.24 3.73
N LYS C 88 22.48 12.23 4.62
CA LYS C 88 21.46 13.29 4.70
C LYS C 88 22.15 14.64 4.70
N PRO C 89 22.44 15.20 3.52
CA PRO C 89 23.29 16.39 3.44
C PRO C 89 22.55 17.72 3.50
N HIS C 90 21.25 17.72 3.67
CA HIS C 90 20.53 18.99 3.73
C HIS C 90 20.10 19.20 5.17
N LYS C 91 20.80 20.07 5.89
CA LYS C 91 20.52 20.29 7.30
C LYS C 91 19.88 21.65 7.51
N CYS C 92 18.86 21.69 8.38
CA CYS C 92 18.14 22.93 8.69
C CYS C 92 19.04 23.90 9.45
N LYS C 93 19.27 25.09 8.87
CA LYS C 93 20.12 26.08 9.54
C LYS C 93 19.53 26.51 10.89
N GLU C 94 18.21 26.48 11.05
CA GLU C 94 17.66 26.92 12.33
C GLU C 94 17.77 25.84 13.39
N CYS C 95 17.50 24.66 13.12
CA CYS C 95 17.46 23.66 14.19
C CYS C 95 18.37 22.46 13.98
N GLY C 96 19.11 22.37 12.90
CA GLY C 96 20.08 21.31 12.70
C GLY C 96 19.52 19.97 12.24
N LYS C 97 18.23 19.87 11.98
CA LYS C 97 17.66 18.60 11.53
C LYS C 97 18.08 18.33 10.09
N ALA C 98 18.63 17.13 9.85
CA ALA C 98 19.18 16.80 8.54
C ALA C 98 18.18 15.97 7.73
N PHE C 99 18.18 16.18 6.42
CA PHE C 99 17.29 15.45 5.53
C PHE C 99 18.03 14.96 4.31
N ARG C 100 17.44 13.96 3.69
CA ARG C 100 18.07 13.32 2.55
C ARG C 100 17.90 14.17 1.29
N TYR C 101 16.80 14.87 1.17
CA TYR C 101 16.54 15.66 -0.04
C TYR C 101 16.25 17.11 0.30
N ASP C 102 16.65 17.98 -0.62
CA ASP C 102 16.27 19.38 -0.53
C ASP C 102 14.77 19.56 -0.44
N THR C 103 14.01 18.67 -1.08
CA THR C 103 12.56 18.81 -1.08
C THR C 103 12.00 18.61 0.31
N GLN C 104 12.59 17.73 1.07
CA GLN C 104 12.16 17.48 2.41
C GLN C 104 12.56 18.64 3.30
N LEU C 105 13.76 19.16 3.11
CA LEU C 105 14.14 20.29 3.94
C LEU C 105 13.24 21.49 3.65
N SER C 106 12.89 21.71 2.38
CA SER C 106 12.00 22.81 2.04
C SER C 106 10.66 22.71 2.78
N LEU C 107 10.14 21.48 2.94
CA LEU C 107 8.89 21.37 3.67
C LEU C 107 9.10 21.54 5.16
N HIS C 108 10.22 21.10 5.71
CA HIS C 108 10.50 21.28 7.15
C HIS C 108 10.59 22.72 7.50
N LEU C 109 11.13 23.51 6.60
CA LEU C 109 11.32 24.92 6.92
C LEU C 109 10.00 25.62 7.20
N LEU C 110 8.89 25.09 6.68
CA LEU C 110 7.60 25.68 7.01
C LEU C 110 7.35 25.73 8.51
N THR C 111 8.10 24.97 9.30
CA THR C 111 7.87 24.99 10.74
C THR C 111 8.68 26.05 11.45
N HIS C 112 9.42 26.90 10.74
CA HIS C 112 10.04 28.06 11.34
C HIS C 112 9.55 29.32 10.66
N ALA C 113 9.80 30.46 11.31
CA ALA C 113 9.36 31.73 10.75
C ALA C 113 10.10 32.04 9.45
N GLY C 114 9.46 32.83 8.61
CA GLY C 114 10.15 33.42 7.48
C GLY C 114 10.37 32.51 6.30
N ALA C 115 9.77 31.33 6.29
CA ALA C 115 9.68 30.55 5.07
C ALA C 115 8.55 31.08 4.22
N ARG C 116 8.67 30.96 2.90
CA ARG C 116 7.56 31.39 2.07
C ARG C 116 6.49 30.31 2.13
N ARG C 117 5.30 30.69 2.55
CA ARG C 117 4.20 29.75 2.75
CA ARG C 117 4.20 29.75 2.75
C ARG C 117 3.28 29.77 1.55
N PHE C 118 2.81 28.59 1.14
CA PHE C 118 1.81 28.49 0.06
C PHE C 118 0.56 27.83 0.64
N GLU C 119 -0.33 28.66 1.15
CA GLU C 119 -1.44 28.25 2.01
C GLU C 119 -2.69 27.93 1.23
N CYS C 120 -3.40 26.88 1.62
CA CYS C 120 -4.61 26.54 0.90
C CYS C 120 -5.74 27.34 1.51
N LYS C 121 -6.73 27.65 0.68
CA LYS C 121 -7.85 28.50 1.09
C LYS C 121 -9.08 27.73 1.49
N ASP C 122 -9.05 26.39 1.44
CA ASP C 122 -10.21 25.59 1.82
C ASP C 122 -9.96 24.71 3.03
N CYS C 123 -8.71 24.43 3.35
CA CYS C 123 -8.36 23.74 4.59
C CYS C 123 -7.22 24.51 5.21
N ASP C 124 -6.55 23.92 6.20
CA ASP C 124 -5.43 24.58 6.85
C ASP C 124 -4.06 24.11 6.35
N LYS C 125 -4.02 23.34 5.26
CA LYS C 125 -2.73 22.86 4.76
C LYS C 125 -1.92 24.00 4.17
N VAL C 126 -0.59 23.90 4.29
CA VAL C 126 0.35 24.85 3.72
C VAL C 126 1.49 24.05 3.08
N TYR C 127 2.01 24.53 1.96
CA TYR C 127 3.07 23.84 1.25
C TYR C 127 4.21 24.81 1.02
N SER C 128 5.31 24.27 0.50
CA SER C 128 6.57 25.00 0.35
C SER C 128 6.72 25.60 -1.03
N CYS C 129 5.82 25.30 -1.95
CA CYS C 129 5.95 25.77 -3.32
C CYS C 129 4.59 25.72 -4.01
N ALA C 130 4.52 26.42 -5.14
CA ALA C 130 3.26 26.53 -5.87
C ALA C 130 2.78 25.17 -6.37
N SER C 131 3.67 24.35 -6.92
CA SER C 131 3.21 23.12 -7.56
C SER C 131 2.56 22.18 -6.58
N GLN C 132 3.07 22.12 -5.35
CA GLN C 132 2.44 21.23 -4.38
C GLN C 132 1.03 21.71 -4.04
N LEU C 133 0.87 23.03 -3.91
CA LEU C 133 -0.45 23.54 -3.55
C LEU C 133 -1.46 23.25 -4.65
N ALA C 134 -1.07 23.46 -5.91
CA ALA C 134 -1.98 23.11 -7.00
C ALA C 134 -2.32 21.63 -6.96
N LEU C 135 -1.33 20.79 -6.67
CA LEU C 135 -1.62 19.37 -6.54
C LEU C 135 -2.71 19.15 -5.49
N HIS C 136 -2.51 19.61 -4.29
CA HIS C 136 -3.49 19.40 -3.27
C HIS C 136 -4.84 20.00 -3.59
N GLN C 137 -4.84 21.14 -4.23
CA GLN C 137 -6.12 21.80 -4.48
C GLN C 137 -7.01 20.96 -5.39
N MET C 138 -6.43 20.01 -6.12
CA MET C 138 -7.27 19.15 -6.95
C MET C 138 -8.21 18.30 -6.12
N SER C 139 -7.84 18.00 -4.86
CA SER C 139 -8.74 17.23 -4.01
C SER C 139 -10.01 18.01 -3.72
N HIS C 140 -9.91 19.33 -3.57
CA HIS C 140 -11.11 20.14 -3.40
C HIS C 140 -11.94 20.16 -4.67
N THR C 141 -11.30 20.37 -5.82
CA THR C 141 -12.03 20.45 -7.09
C THR C 141 -12.54 19.09 -7.56
N GLY C 142 -12.10 18.01 -6.93
CA GLY C 142 -12.44 16.68 -7.39
C GLY C 142 -11.83 16.27 -8.71
N GLU C 143 -11.11 17.16 -9.39
CA GLU C 143 -10.63 16.87 -10.73
C GLU C 143 -9.79 15.59 -10.73
N LYS C 144 -9.97 14.78 -11.78
CA LYS C 144 -9.29 13.49 -11.89
C LYS C 144 -8.98 13.24 -13.37
N PRO C 145 -7.89 13.81 -13.87
CA PRO C 145 -7.72 13.94 -15.32
C PRO C 145 -7.41 12.65 -16.07
N HIS C 146 -6.93 11.61 -15.41
CA HIS C 146 -6.57 10.38 -16.11
C HIS C 146 -7.73 9.40 -15.94
N LYS C 147 -8.49 9.19 -17.03
CA LYS C 147 -9.72 8.42 -17.01
C LYS C 147 -9.49 7.00 -17.51
N CYS C 148 -10.05 6.02 -16.80
CA CYS C 148 -9.89 4.62 -17.23
C CYS C 148 -10.53 4.46 -18.60
N LYS C 149 -9.69 4.17 -19.56
CA LYS C 149 -10.21 3.94 -20.88
C LYS C 149 -11.36 2.95 -20.81
N GLU C 150 -11.43 2.20 -19.72
CA GLU C 150 -12.47 1.20 -19.57
C GLU C 150 -13.58 1.53 -18.61
N CYS C 151 -13.18 1.87 -17.40
CA CYS C 151 -14.13 2.09 -16.35
C CYS C 151 -14.81 3.43 -16.59
N GLY C 152 -14.02 4.39 -17.03
CA GLY C 152 -14.44 5.76 -17.19
C GLY C 152 -14.21 6.56 -15.92
N LYS C 153 -13.73 5.93 -14.86
CA LYS C 153 -13.45 6.56 -13.62
C LYS C 153 -12.16 7.35 -13.77
N GLY C 154 -12.07 8.41 -13.01
CA GLY C 154 -10.92 9.29 -13.03
C GLY C 154 -9.94 9.05 -11.90
N PHE C 155 -8.70 9.43 -12.15
CA PHE C 155 -7.64 9.30 -11.16
C PHE C 155 -6.71 10.48 -11.28
N ILE C 156 -6.02 10.76 -10.17
CA ILE C 156 -5.22 11.96 -10.07
C ILE C 156 -3.90 11.80 -10.83
N SER C 157 -3.48 10.57 -11.11
CA SER C 157 -2.21 10.36 -11.80
C SER C 157 -2.32 9.14 -12.69
N ASP C 158 -1.36 9.03 -13.60
CA ASP C 158 -1.38 7.87 -14.46
C ASP C 158 -1.04 6.60 -13.69
N SER C 159 -0.17 6.68 -12.67
CA SER C 159 0.12 5.51 -11.87
C SER C 159 -1.13 5.01 -11.17
N HIS C 160 -1.97 5.93 -10.70
CA HIS C 160 -3.22 5.55 -10.06
C HIS C 160 -4.14 4.87 -11.05
N LEU C 161 -4.26 5.41 -12.26
CA LEU C 161 -5.06 4.75 -13.29
C LEU C 161 -4.55 3.35 -13.53
N LEU C 162 -3.24 3.20 -13.73
CA LEU C 162 -2.69 1.88 -14.00
C LEU C 162 -2.95 0.95 -12.84
N ARG C 163 -2.70 1.41 -11.64
CA ARG C 163 -2.92 0.63 -10.47
C ARG C 163 -4.35 0.12 -10.40
N HIS C 164 -5.30 0.97 -10.67
CA HIS C 164 -6.70 0.60 -10.64
C HIS C 164 -7.08 -0.36 -11.77
N GLN C 165 -6.21 -0.54 -12.79
CA GLN C 165 -6.64 -1.46 -13.84
C GLN C 165 -6.62 -2.90 -13.41
N SER C 166 -6.24 -3.18 -12.18
CA SER C 166 -6.29 -4.55 -11.74
C SER C 166 -7.74 -4.97 -11.94
N VAL C 167 -8.65 -4.12 -11.48
CA VAL C 167 -10.08 -4.26 -11.60
C VAL C 167 -10.49 -4.71 -12.98
N HIS C 168 -10.02 -4.04 -14.02
CA HIS C 168 -10.32 -4.49 -15.36
C HIS C 168 -9.37 -5.72 -15.89
N THR C 169 -8.38 -6.32 -15.16
CA THR C 169 -7.50 -7.36 -15.66
C THR C 169 -7.41 -8.60 -14.77
N GLY C 170 -7.73 -8.49 -13.48
CA GLY C 170 -7.64 -9.62 -12.57
C GLY C 170 -6.25 -10.20 -12.40
N GLU C 171 -5.25 -9.63 -13.10
CA GLU C 171 -3.87 -10.10 -13.00
C GLU C 171 -3.38 -10.02 -11.57
N THR C 172 -2.59 -11.01 -11.17
CA THR C 172 -2.18 -11.19 -9.78
C THR C 172 -0.67 -11.44 -9.72
N PRO C 173 0.14 -10.41 -9.98
CA PRO C 173 1.53 -10.64 -10.43
C PRO C 173 2.50 -11.14 -9.37
N TYR C 174 2.19 -11.01 -8.08
CA TYR C 174 3.15 -11.28 -7.01
C TYR C 174 2.81 -12.63 -6.38
N LYS C 175 3.79 -13.54 -6.35
CA LYS C 175 3.55 -14.94 -6.03
C LYS C 175 4.12 -15.33 -4.67
N CYS C 176 3.34 -16.05 -3.89
CA CYS C 176 3.90 -16.77 -2.77
C CYS C 176 4.58 -18.02 -3.30
N LYS C 177 5.79 -18.27 -2.85
CA LYS C 177 6.48 -19.49 -3.26
C LYS C 177 6.21 -20.66 -2.31
N GLU C 178 5.58 -20.39 -1.17
CA GLU C 178 5.08 -21.47 -0.31
C GLU C 178 3.76 -22.01 -0.86
N CYS C 179 2.71 -21.21 -0.82
CA CYS C 179 1.39 -21.70 -1.20
C CYS C 179 1.24 -21.79 -2.72
N GLY C 180 1.76 -20.81 -3.46
CA GLY C 180 1.42 -20.65 -4.86
C GLY C 180 0.32 -19.64 -5.16
N LYS C 181 -0.31 -19.06 -4.14
CA LYS C 181 -1.29 -18.01 -4.37
C LYS C 181 -0.60 -16.71 -4.83
N GLY C 182 -1.24 -16.01 -5.75
CA GLY C 182 -0.76 -14.73 -6.21
C GLY C 182 -1.55 -13.59 -5.60
N PHE C 183 -0.98 -12.38 -5.69
CA PHE C 183 -1.62 -11.18 -5.12
C PHE C 183 -1.39 -10.01 -6.05
N ARG C 184 -2.21 -8.99 -5.88
CA ARG C 184 -2.11 -7.88 -6.80
C ARG C 184 -1.06 -6.87 -6.41
N ARG C 185 -0.66 -6.84 -5.15
CA ARG C 185 0.32 -5.88 -4.66
C ARG C 185 1.30 -6.62 -3.80
N GLY C 186 2.56 -6.20 -3.89
CA GLY C 186 3.59 -6.76 -3.04
C GLY C 186 3.25 -6.60 -1.57
N SER C 187 2.51 -5.54 -1.22
CA SER C 187 2.19 -5.35 0.19
C SER C 187 1.33 -6.50 0.69
N GLU C 188 0.40 -6.95 -0.13
CA GLU C 188 -0.49 -8.04 0.25
C GLU C 188 0.24 -9.37 0.21
N LEU C 189 1.12 -9.57 -0.78
CA LEU C 189 1.97 -10.76 -0.72
C LEU C 189 2.81 -10.72 0.54
N ALA C 190 3.36 -9.54 0.87
CA ALA C 190 4.13 -9.42 2.11
C ALA C 190 3.32 -9.89 3.30
N ARG C 191 2.10 -9.36 3.49
CA ARG C 191 1.27 -9.75 4.63
C ARG C 191 1.00 -11.23 4.64
N HIS C 192 0.63 -11.78 3.47
CA HIS C 192 0.47 -13.22 3.34
C HIS C 192 1.69 -13.98 3.82
N GLN C 193 2.90 -13.53 3.46
CA GLN C 193 4.10 -14.24 3.92
C GLN C 193 4.24 -14.14 5.42
N ARG C 194 3.82 -13.03 6.01
CA ARG C 194 3.84 -12.95 7.47
C ARG C 194 2.78 -13.86 8.07
N ALA C 195 1.66 -14.05 7.38
CA ALA C 195 0.67 -15.01 7.85
C ALA C 195 1.28 -16.40 7.97
N HIS C 196 2.06 -16.82 6.97
CA HIS C 196 2.70 -18.13 7.00
C HIS C 196 3.57 -18.28 8.25
N SER C 197 4.39 -17.27 8.53
CA SER C 197 5.33 -17.31 9.63
C SER C 197 4.73 -16.85 10.95
N GLY C 198 3.47 -16.41 10.95
CA GLY C 198 2.89 -15.85 12.14
C GLY C 198 3.52 -14.55 12.61
N ASP C 199 4.37 -13.93 11.78
CA ASP C 199 4.90 -12.61 12.09
C ASP C 199 3.76 -11.61 12.13
N LYS C 200 3.32 -11.22 13.34
CA LYS C 200 2.25 -10.25 13.53
C LYS C 200 2.84 -9.04 14.24
N PRO C 201 3.40 -8.09 13.47
CA PRO C 201 4.09 -6.94 14.09
C PRO C 201 3.20 -5.85 14.64
N TYR C 202 1.90 -5.85 14.37
CA TYR C 202 1.04 -4.75 14.77
C TYR C 202 0.24 -5.18 15.99
N LYS C 203 0.81 -4.93 17.17
CA LYS C 203 0.23 -5.37 18.43
C LYS C 203 -0.70 -4.31 18.99
N CYS C 204 -1.85 -4.75 19.51
CA CYS C 204 -2.81 -3.83 20.09
C CYS C 204 -2.37 -3.43 21.49
N LYS C 205 -2.36 -2.12 21.75
CA LYS C 205 -1.92 -1.63 23.06
C LYS C 205 -2.92 -1.94 24.17
N GLU C 206 -4.17 -2.31 23.82
CA GLU C 206 -5.23 -2.55 24.80
C GLU C 206 -5.47 -4.02 25.06
N CYS C 207 -5.72 -4.83 24.02
CA CYS C 207 -5.93 -6.25 24.24
C CYS C 207 -4.62 -7.03 24.26
N GLY C 208 -3.65 -6.63 23.45
CA GLY C 208 -2.42 -7.39 23.28
C GLY C 208 -2.39 -8.27 22.05
N LYS C 209 -3.54 -8.52 21.43
CA LYS C 209 -3.59 -9.26 20.18
C LYS C 209 -2.75 -8.57 19.12
N SER C 210 -2.12 -9.37 18.28
CA SER C 210 -1.25 -8.90 17.21
C SER C 210 -1.87 -9.24 15.87
N PHE C 211 -1.50 -8.45 14.85
CA PHE C 211 -2.03 -8.64 13.50
C PHE C 211 -0.92 -8.52 12.49
N THR C 212 -1.11 -9.21 11.36
CA THR C 212 -0.17 -9.16 10.24
C THR C 212 -0.24 -7.84 9.49
N CYS C 213 -1.27 -7.06 9.76
CA CYS C 213 -1.84 -6.12 8.82
C CYS C 213 -1.98 -4.80 9.54
N THR C 214 -1.81 -3.72 8.81
CA THR C 214 -2.13 -2.44 9.43
C THR C 214 -3.64 -2.27 9.50
N THR C 215 -4.35 -2.72 8.47
CA THR C 215 -5.78 -2.52 8.46
C THR C 215 -6.46 -3.40 9.50
N GLU C 216 -5.99 -4.64 9.70
CA GLU C 216 -6.67 -5.53 10.63
C GLU C 216 -6.61 -5.02 12.05
N LEU C 217 -5.46 -4.46 12.45
CA LEU C 217 -5.37 -3.93 13.82
C LEU C 217 -6.29 -2.73 13.98
N PHE C 218 -6.33 -1.85 12.99
CA PHE C 218 -7.10 -0.62 13.12
C PHE C 218 -8.58 -0.92 13.32
N ARG C 219 -9.12 -1.90 12.59
CA ARG C 219 -10.50 -2.30 12.78
C ARG C 219 -10.71 -2.88 14.18
N HIS C 220 -9.78 -3.69 14.65
CA HIS C 220 -9.96 -4.34 15.93
C HIS C 220 -10.07 -3.31 17.06
N GLN C 221 -9.17 -2.33 17.09
CA GLN C 221 -9.23 -1.31 18.14
C GLN C 221 -10.51 -0.50 18.13
N LYS C 222 -11.38 -0.65 17.11
CA LYS C 222 -12.62 0.11 17.10
C LYS C 222 -13.59 -0.33 18.17
N VAL C 223 -13.21 -1.26 19.03
CA VAL C 223 -14.05 -1.70 20.12
C VAL C 223 -13.70 -0.99 21.41
N HIS C 224 -12.41 -0.75 21.68
CA HIS C 224 -12.05 0.00 22.88
C HIS C 224 -12.41 1.46 22.69
N THR C 225 -11.89 2.09 21.65
CA THR C 225 -12.42 3.39 21.21
C THR C 225 -13.76 3.13 20.54
N GLY C 226 -14.86 3.49 21.21
CA GLY C 226 -16.18 3.19 20.69
C GLY C 226 -16.52 3.91 19.39
N ASP C 227 -15.66 3.75 18.38
CA ASP C 227 -15.77 4.47 17.12
C ASP C 227 -16.72 3.71 16.21
N ARG C 228 -17.96 4.16 16.14
CA ARG C 228 -19.00 3.47 15.36
C ARG C 228 -19.85 4.51 14.65
N PRO C 229 -19.65 4.72 13.34
CA PRO C 229 -20.63 5.51 12.59
C PRO C 229 -21.60 4.60 11.85
N HIS C 230 -22.50 5.19 11.08
CA HIS C 230 -23.70 4.53 10.56
C HIS C 230 -24.65 4.14 11.69
N LYS C 231 -25.17 5.14 12.41
CA LYS C 231 -26.21 4.92 13.41
C LYS C 231 -27.55 4.72 12.73
N CYS C 232 -28.45 4.02 13.43
CA CYS C 232 -29.77 3.74 12.88
C CYS C 232 -30.66 4.98 13.00
N LYS C 233 -31.21 5.42 11.88
CA LYS C 233 -32.14 6.54 11.90
C LYS C 233 -33.50 6.15 12.46
N GLU C 234 -33.75 4.86 12.69
CA GLU C 234 -35.01 4.40 13.26
C GLU C 234 -34.89 4.01 14.74
N CYS C 235 -33.80 3.34 15.12
CA CYS C 235 -33.63 2.86 16.49
C CYS C 235 -32.30 3.28 17.12
N GLY C 236 -31.54 4.16 16.48
CA GLY C 236 -30.33 4.70 17.06
C GLY C 236 -29.16 3.74 17.20
N LYS C 237 -29.34 2.45 16.91
CA LYS C 237 -28.25 1.50 17.06
C LYS C 237 -27.05 1.91 16.20
N ALA C 238 -25.88 2.00 16.81
CA ALA C 238 -24.65 2.41 16.15
C ALA C 238 -23.72 1.21 15.96
N PHE C 239 -23.11 1.13 14.77
CA PHE C 239 -22.40 -0.07 14.35
C PHE C 239 -21.00 0.28 13.86
N ILE C 240 -20.18 -0.75 13.70
CA ILE C 240 -18.80 -0.57 13.26
C ILE C 240 -18.69 -0.53 11.75
N ARG C 241 -19.39 -1.40 11.02
CA ARG C 241 -19.26 -1.46 9.57
C ARG C 241 -20.46 -0.85 8.89
N ARG C 242 -20.22 -0.26 7.72
CA ARG C 242 -21.31 0.07 6.82
C ARG C 242 -22.16 -1.15 6.51
N SER C 243 -21.60 -2.37 6.61
CA SER C 243 -22.40 -3.53 6.25
C SER C 243 -23.21 -4.06 7.43
N GLU C 244 -22.83 -3.69 8.66
CA GLU C 244 -23.69 -3.98 9.81
C GLU C 244 -25.05 -3.31 9.63
N LEU C 245 -25.05 -2.02 9.33
CA LEU C 245 -26.30 -1.26 9.23
C LEU C 245 -27.19 -1.79 8.11
N THR C 246 -26.58 -2.37 7.08
CA THR C 246 -27.35 -3.06 6.05
C THR C 246 -27.97 -4.35 6.58
N HIS C 247 -27.26 -5.06 7.46
CA HIS C 247 -27.79 -6.28 8.03
C HIS C 247 -28.97 -5.98 8.95
N HIS C 248 -28.82 -4.97 9.82
CA HIS C 248 -29.82 -4.72 10.84
C HIS C 248 -31.02 -3.94 10.31
N GLU C 249 -30.82 -3.06 9.33
CA GLU C 249 -31.96 -2.43 8.68
C GLU C 249 -32.78 -3.44 7.90
N ARG C 250 -32.21 -4.61 7.59
CA ARG C 250 -32.99 -5.71 7.04
C ARG C 250 -33.75 -6.49 8.11
N SER C 251 -33.45 -6.25 9.40
CA SER C 251 -34.23 -6.84 10.48
C SER C 251 -35.47 -6.04 10.79
N HIS C 252 -35.43 -4.71 10.62
CA HIS C 252 -36.63 -3.90 10.76
C HIS C 252 -37.66 -4.27 9.70
N SER C 253 -37.30 -4.09 8.43
CA SER C 253 -38.15 -4.48 7.32
C SER C 253 -38.44 -5.98 7.28
N GLY C 254 -37.85 -6.77 8.16
CA GLY C 254 -38.03 -8.21 8.10
C GLY C 254 -37.49 -8.88 6.88
N GLU C 255 -36.69 -8.17 6.08
CA GLU C 255 -36.12 -8.76 4.87
C GLU C 255 -35.19 -9.90 5.22
N LYS C 256 -35.22 -10.97 4.42
CA LYS C 256 -34.30 -12.10 4.53
C LYS C 256 -33.70 -12.38 3.16
N PRO C 257 -32.71 -11.60 2.73
CA PRO C 257 -32.14 -11.75 1.38
C PRO C 257 -31.66 -13.16 1.02
N TYR C 258 -30.97 -13.79 1.94
CA TYR C 258 -30.42 -15.08 1.66
C TYR C 258 -31.18 -16.20 2.31
N GLU C 259 -31.66 -17.10 1.48
CA GLU C 259 -32.39 -18.27 1.92
C GLU C 259 -31.79 -19.47 1.26
N CYS C 260 -31.92 -20.62 1.91
CA CYS C 260 -31.34 -21.82 1.34
C CYS C 260 -32.18 -22.35 0.23
N LYS C 261 -31.54 -23.07 -0.66
CA LYS C 261 -32.26 -23.73 -1.73
C LYS C 261 -32.94 -24.86 -0.98
N GLU C 262 -32.11 -25.78 -0.50
CA GLU C 262 -32.57 -26.94 0.22
C GLU C 262 -33.52 -26.60 1.35
N CYS C 263 -33.03 -25.92 2.39
CA CYS C 263 -33.88 -25.56 3.52
C CYS C 263 -35.12 -24.81 3.09
N GLY C 264 -34.90 -23.76 2.33
CA GLY C 264 -35.99 -22.92 1.92
C GLY C 264 -35.94 -21.91 3.03
N LYS C 265 -35.22 -22.26 4.09
CA LYS C 265 -35.08 -21.33 5.19
C LYS C 265 -34.40 -20.04 4.73
N THR C 266 -34.53 -19.00 5.54
CA THR C 266 -34.07 -17.67 5.17
C THR C 266 -33.30 -17.03 6.32
N PHE C 267 -32.22 -16.32 5.95
CA PHE C 267 -31.35 -15.63 6.89
C PHE C 267 -31.12 -14.20 6.44
N GLY C 268 -30.81 -13.32 7.40
CA GLY C 268 -30.53 -11.93 7.08
C GLY C 268 -29.13 -11.69 6.56
N ARG C 269 -28.20 -12.61 6.81
CA ARG C 269 -26.81 -12.46 6.46
C ARG C 269 -26.29 -13.74 5.82
N GLY C 270 -25.30 -13.59 4.93
CA GLY C 270 -24.83 -14.71 4.15
C GLY C 270 -23.98 -15.71 4.90
N SER C 271 -23.27 -15.25 5.95
CA SER C 271 -22.37 -16.11 6.71
C SER C 271 -23.08 -17.25 7.43
N GLU C 272 -24.42 -17.24 7.43
CA GLU C 272 -25.22 -18.34 7.94
C GLU C 272 -25.65 -19.30 6.83
N LEU C 273 -26.20 -18.76 5.74
CA LEU C 273 -26.56 -19.62 4.61
C LEU C 273 -25.36 -20.37 4.07
N SER C 274 -24.14 -19.88 4.33
CA SER C 274 -22.96 -20.72 4.14
C SER C 274 -22.79 -21.70 5.30
N ARG C 275 -23.06 -21.24 6.52
CA ARG C 275 -22.92 -22.10 7.69
C ARG C 275 -23.93 -23.24 7.65
N HIS C 276 -25.16 -22.95 7.23
CA HIS C 276 -26.15 -24.03 7.23
C HIS C 276 -26.08 -24.90 5.99
N GLN C 277 -25.80 -24.32 4.81
CA GLN C 277 -25.54 -25.12 3.63
C GLN C 277 -24.52 -26.22 3.89
N LYS C 278 -23.76 -26.11 4.97
CA LYS C 278 -22.85 -27.16 5.40
C LYS C 278 -23.57 -28.35 6.05
N ILE C 279 -24.87 -28.31 6.30
CA ILE C 279 -25.53 -29.53 6.79
C ILE C 279 -25.53 -30.60 5.72
N HIS C 280 -25.93 -30.24 4.50
CA HIS C 280 -26.01 -31.23 3.43
C HIS C 280 -24.64 -31.67 2.96
N THR C 281 -23.59 -30.93 3.30
CA THR C 281 -22.23 -31.32 2.94
C THR C 281 -21.89 -32.71 3.50
ZN ZN D . 14.96 -13.49 3.33
ZN ZN E . 18.89 -5.35 -17.67
ZN ZN F . 20.33 2.36 -6.48
ZN ZN G . 14.44 22.91 11.73
ZN ZN H . -7.07 22.37 1.06
ZN ZN I . -11.81 1.75 -14.54
ZN ZN J . 1.54 -18.86 0.79
ZN ZN K . -7.68 -4.58 21.47
ZN ZN L . -32.36 0.00 13.69
ZN ZN M . -30.71 -26.54 3.18
#